data_5WEZ
#
_entry.id   5WEZ
#
_cell.length_a   66.960
_cell.length_b   66.960
_cell.length_c   75.710
_cell.angle_alpha   90.00
_cell.angle_beta   90.00
_cell.angle_gamma   120.00
#
_symmetry.space_group_name_H-M   'P 32 2 1'
#
loop_
_entity.id
_entity.type
_entity.pdbx_description
1 polymer 'Tir chaperone'
2 polymer 'Translocated intimin receptor Tir'
#
loop_
_entity_poly.entity_id
_entity_poly.type
_entity_poly.pdbx_seq_one_letter_code
_entity_poly.pdbx_strand_id
1 'polypeptide(L)'
;MASSRSELLLDRFAEKIGVGSISFNENRLCSFAIDEIYYISLSDANDEYMMIYGVCGKFPTDNPNFALEILNANLWFAEN
GGPYLCYESGAQSLLLALRFPLDDATPEKLENEIEVVVKSMENLYLVLHNQGITLENEH
;
A
2 'polypeptide(L)' MGSSHHHHHHSQDPGGTGHLISSTGALGSRSLFSPLRNSMADSVDSRDIPGLPTNPSRLAAAT B
#
# COMPACT_ATOMS: atom_id res chain seq x y z
N ALA A 2 -21.59 8.23 11.66
CA ALA A 2 -21.21 7.88 13.04
C ALA A 2 -20.03 6.94 12.95
N SER A 3 -19.07 7.33 12.12
CA SER A 3 -18.02 6.46 11.67
C SER A 3 -16.77 6.55 12.54
N SER A 4 -16.04 5.45 12.61
CA SER A 4 -14.77 5.43 13.33
C SER A 4 -13.75 6.29 12.59
N ARG A 5 -12.59 6.45 13.21
CA ARG A 5 -11.64 7.45 12.73
C ARG A 5 -11.00 7.06 11.40
N SER A 6 -10.91 5.76 11.09
CA SER A 6 -10.40 5.31 9.80
C SER A 6 -11.18 5.95 8.65
N GLU A 7 -12.51 5.94 8.76
CA GLU A 7 -13.36 6.43 7.68
C GLU A 7 -13.36 7.95 7.56
N LEU A 8 -12.95 8.66 8.61
CA LEU A 8 -12.74 10.09 8.49
C LEU A 8 -11.45 10.39 7.75
N LEU A 9 -10.34 9.81 8.23
CA LEU A 9 -9.02 10.00 7.63
C LEU A 9 -9.06 9.84 6.12
N LEU A 10 -9.65 8.75 5.66
CA LEU A 10 -9.90 8.54 4.25
C LEU A 10 -10.51 9.78 3.61
N ASP A 11 -11.72 10.13 4.02
CA ASP A 11 -12.38 11.29 3.45
C ASP A 11 -11.49 12.52 3.55
N ARG A 12 -10.87 12.73 4.71
CA ARG A 12 -10.03 13.90 4.87
C ARG A 12 -8.79 13.82 3.98
N PHE A 13 -8.29 12.61 3.77
CA PHE A 13 -7.13 12.42 2.90
C PHE A 13 -7.48 12.68 1.43
N ALA A 14 -8.58 12.07 0.95
CA ALA A 14 -9.01 12.32 -0.41
C ALA A 14 -9.28 13.80 -0.64
N GLU A 15 -9.71 14.51 0.41
CA GLU A 15 -9.81 15.97 0.30
C GLU A 15 -8.44 16.60 0.13
N LYS A 16 -7.42 16.07 0.81
CA LYS A 16 -6.11 16.71 0.78
C LYS A 16 -5.47 16.60 -0.62
N ILE A 17 -5.62 15.44 -1.28
CA ILE A 17 -5.01 15.29 -2.60
C ILE A 17 -5.95 15.66 -3.74
N GLY A 18 -7.22 15.89 -3.46
CA GLY A 18 -8.11 16.38 -4.49
C GLY A 18 -8.60 15.36 -5.50
N VAL A 19 -8.73 14.10 -5.11
CA VAL A 19 -9.20 13.05 -5.99
C VAL A 19 -10.67 12.70 -5.73
N GLY A 20 -11.40 13.58 -5.05
CA GLY A 20 -12.83 13.37 -4.84
C GLY A 20 -13.09 12.54 -3.57
N SER A 21 -13.77 11.40 -3.74
CA SER A 21 -14.21 10.60 -2.60
C SER A 21 -13.96 9.12 -2.84
N ILE A 22 -13.73 8.40 -1.74
CA ILE A 22 -13.44 6.96 -1.72
C ILE A 22 -14.06 6.38 -0.46
N SER A 23 -13.95 5.07 -0.27
CA SER A 23 -14.65 4.38 0.81
C SER A 23 -13.94 3.07 1.10
N PHE A 24 -14.48 2.30 2.06
CA PHE A 24 -14.03 0.93 2.30
C PHE A 24 -15.07 -0.05 1.75
N ASN A 25 -14.61 -1.25 1.36
CA ASN A 25 -15.45 -2.16 0.59
C ASN A 25 -15.98 -3.28 1.48
N GLU A 26 -16.65 -4.25 0.86
CA GLU A 26 -17.21 -5.36 1.62
C GLU A 26 -16.13 -6.10 2.40
N ASN A 27 -14.87 -6.00 1.96
CA ASN A 27 -13.75 -6.67 2.58
C ASN A 27 -12.84 -5.71 3.35
N ARG A 28 -13.41 -4.64 3.90
CA ARG A 28 -12.72 -3.75 4.83
C ARG A 28 -11.41 -3.26 4.25
N LEU A 29 -11.45 -2.81 2.99
CA LEU A 29 -10.27 -2.18 2.43
C LEU A 29 -10.65 -1.29 1.27
N CYS A 30 -9.68 -0.48 0.83
CA CYS A 30 -9.89 0.57 -0.15
C CYS A 30 -8.68 0.56 -1.08
N SER A 31 -8.84 -0.10 -2.22
CA SER A 31 -7.75 -0.26 -3.17
C SER A 31 -7.81 0.85 -4.22
N PHE A 32 -6.71 1.56 -4.38
CA PHE A 32 -6.52 2.52 -5.45
C PHE A 32 -5.13 2.27 -6.02
N ALA A 33 -4.96 2.52 -7.31
CA ALA A 33 -3.68 2.33 -7.96
C ALA A 33 -3.07 3.68 -8.32
N ILE A 34 -1.94 4.00 -7.69
CA ILE A 34 -1.28 5.27 -7.95
C ILE A 34 -0.42 5.11 -9.20
N ASP A 35 -0.87 5.76 -10.29
CA ASP A 35 -0.22 5.75 -11.60
C ASP A 35 -0.33 4.40 -12.31
N GLU A 36 -1.43 3.67 -12.07
CA GLU A 36 -1.79 2.44 -12.77
C GLU A 36 -0.67 1.39 -12.83
N ILE A 37 0.43 1.62 -12.11
CA ILE A 37 1.47 0.61 -11.93
C ILE A 37 1.54 0.17 -10.47
N TYR A 38 1.54 1.13 -9.55
CA TYR A 38 1.72 0.85 -8.14
C TYR A 38 0.37 0.64 -7.47
N TYR A 39 0.04 -0.61 -7.21
CA TYR A 39 -1.23 -0.96 -6.58
C TYR A 39 -1.09 -0.89 -5.06
N ILE A 40 -2.05 -0.20 -4.44
CA ILE A 40 -2.09 0.06 -3.01
C ILE A 40 -3.52 -0.21 -2.54
N SER A 41 -3.66 -0.90 -1.41
CA SER A 41 -4.96 -1.13 -0.81
C SER A 41 -4.83 -0.76 0.67
N LEU A 42 -5.62 0.23 1.09
CA LEU A 42 -5.68 0.57 2.50
C LEU A 42 -6.67 -0.34 3.20
N SER A 43 -6.22 -1.00 4.27
CA SER A 43 -7.06 -1.83 5.11
C SER A 43 -7.13 -1.20 6.49
N ASP A 44 -8.31 -1.13 7.09
CA ASP A 44 -8.33 -0.89 8.52
C ASP A 44 -8.49 -2.25 9.19
N ALA A 45 -7.34 -2.92 9.35
CA ALA A 45 -7.31 -4.23 10.00
C ALA A 45 -7.93 -4.16 11.37
N ASN A 46 -7.69 -3.08 12.10
CA ASN A 46 -7.87 -3.09 13.53
C ASN A 46 -8.38 -1.74 14.01
N ASP A 47 -9.01 -1.73 15.17
CA ASP A 47 -9.45 -0.47 15.75
C ASP A 47 -8.27 0.47 15.97
N GLU A 48 -7.10 -0.08 16.20
CA GLU A 48 -5.95 0.74 16.52
C GLU A 48 -5.12 1.09 15.29
N TYR A 49 -5.17 0.29 14.24
CA TYR A 49 -4.29 0.60 13.13
C TYR A 49 -4.95 0.25 11.81
N MET A 50 -4.48 0.92 10.75
CA MET A 50 -4.66 0.50 9.37
C MET A 50 -3.38 -0.19 8.92
N MET A 51 -3.52 -1.18 8.04
CA MET A 51 -2.40 -1.70 7.28
C MET A 51 -2.41 -1.01 5.93
N ILE A 52 -1.23 -0.91 5.31
CA ILE A 52 -1.06 -0.32 3.99
C ILE A 52 -0.36 -1.33 3.13
N TYR A 53 -1.06 -1.85 2.12
CA TYR A 53 -0.54 -2.92 1.30
C TYR A 53 -0.11 -2.36 -0.05
N GLY A 54 1.13 -2.66 -0.44
CA GLY A 54 1.57 -2.38 -1.78
C GLY A 54 1.67 -3.71 -2.48
N VAL A 55 0.94 -3.84 -3.58
CA VAL A 55 0.85 -5.11 -4.30
C VAL A 55 1.84 -5.06 -5.46
N CYS A 56 2.67 -6.09 -5.58
CA CYS A 56 3.74 -6.04 -6.57
C CYS A 56 3.62 -7.12 -7.63
N GLY A 57 2.44 -7.73 -7.75
CA GLY A 57 2.14 -8.69 -8.79
C GLY A 57 2.27 -10.12 -8.29
N LYS A 58 2.02 -11.05 -9.22
CA LYS A 58 2.28 -12.46 -8.97
C LYS A 58 3.74 -12.68 -8.58
N PHE A 59 4.02 -13.81 -7.94
CA PHE A 59 5.33 -14.08 -7.36
C PHE A 59 6.01 -15.19 -8.17
N PRO A 60 7.16 -14.91 -8.79
CA PRO A 60 7.81 -15.92 -9.63
C PRO A 60 8.08 -17.24 -8.91
N THR A 61 7.91 -18.33 -9.64
CA THR A 61 8.18 -19.67 -9.16
C THR A 61 9.03 -20.48 -10.13
N ASP A 62 9.63 -19.84 -11.14
CA ASP A 62 10.51 -20.51 -12.10
C ASP A 62 11.96 -20.22 -11.72
N ASN A 63 12.64 -21.23 -11.18
CA ASN A 63 13.90 -21.07 -10.46
C ASN A 63 13.76 -19.97 -9.40
N PRO A 64 12.79 -20.09 -8.45
CA PRO A 64 12.54 -19.03 -7.46
C PRO A 64 13.52 -19.04 -6.29
N ASN A 65 14.81 -19.14 -6.59
CA ASN A 65 15.86 -18.94 -5.59
C ASN A 65 15.83 -17.53 -5.01
N PHE A 66 15.10 -16.61 -5.65
CA PHE A 66 15.10 -15.23 -5.23
C PHE A 66 14.15 -14.96 -4.06
N ALA A 67 13.27 -15.92 -3.72
CA ALA A 67 12.51 -15.79 -2.48
C ALA A 67 13.44 -15.61 -1.31
N LEU A 68 14.61 -16.26 -1.36
CA LEU A 68 15.69 -15.98 -0.42
C LEU A 68 16.35 -14.64 -0.68
N GLU A 69 16.32 -14.15 -1.93
CA GLU A 69 16.84 -12.81 -2.20
C GLU A 69 15.92 -11.73 -1.63
N ILE A 70 14.60 -11.88 -1.80
CA ILE A 70 13.64 -10.98 -1.14
C ILE A 70 13.81 -11.00 0.38
N LEU A 71 13.83 -12.21 0.96
CA LEU A 71 14.11 -12.32 2.38
C LEU A 71 15.41 -11.62 2.75
N ASN A 72 16.37 -11.58 1.83
CA ASN A 72 17.60 -10.85 2.07
C ASN A 72 17.40 -9.35 1.92
N ALA A 73 16.62 -8.94 0.91
CA ALA A 73 16.26 -7.54 0.77
C ALA A 73 15.64 -7.00 2.04
N ASN A 74 14.90 -7.85 2.75
CA ASN A 74 14.22 -7.35 3.93
C ASN A 74 15.18 -6.77 4.96
N LEU A 75 16.47 -7.09 4.88
CA LEU A 75 17.41 -6.39 5.73
C LEU A 75 17.40 -4.90 5.44
N TRP A 76 17.38 -4.53 4.17
CA TRP A 76 17.43 -3.11 3.86
C TRP A 76 16.21 -2.42 4.44
N PHE A 77 15.02 -2.92 4.14
CA PHE A 77 13.82 -2.23 4.62
C PHE A 77 13.76 -2.18 6.14
N ALA A 78 14.38 -3.15 6.83
CA ALA A 78 14.38 -3.11 8.29
C ALA A 78 15.25 -1.97 8.82
N GLU A 79 16.43 -1.75 8.24
CA GLU A 79 17.25 -0.63 8.67
C GLU A 79 16.61 0.71 8.30
N ASN A 80 15.95 0.77 7.14
CA ASN A 80 15.43 2.03 6.61
C ASN A 80 14.07 2.39 7.15
N GLY A 81 13.44 1.50 7.93
CA GLY A 81 12.12 1.76 8.45
C GLY A 81 10.99 1.46 7.50
N GLY A 82 11.27 0.85 6.35
CA GLY A 82 10.29 0.68 5.31
C GLY A 82 9.28 -0.42 5.56
N PRO A 83 8.49 -0.73 4.54
CA PRO A 83 7.50 -1.79 4.69
C PRO A 83 8.18 -3.15 4.84
N TYR A 84 7.43 -4.08 5.42
CA TYR A 84 7.88 -5.46 5.42
C TYR A 84 7.60 -6.09 4.07
N LEU A 85 8.62 -6.71 3.48
CA LEU A 85 8.44 -7.62 2.34
C LEU A 85 7.75 -8.92 2.80
N CYS A 86 6.52 -9.18 2.32
CA CYS A 86 5.77 -10.36 2.69
C CYS A 86 5.23 -11.08 1.46
N TYR A 87 5.06 -12.40 1.60
CA TYR A 87 4.41 -13.20 0.56
C TYR A 87 3.01 -13.59 1.00
N GLU A 88 2.07 -13.49 0.07
CA GLU A 88 0.66 -13.77 0.32
C GLU A 88 0.22 -14.94 -0.55
N SER A 89 -0.58 -15.84 0.03
CA SER A 89 -0.89 -17.11 -0.61
C SER A 89 -2.17 -17.12 -1.46
N GLY A 90 -3.10 -16.20 -1.20
CA GLY A 90 -4.38 -16.25 -1.89
C GLY A 90 -4.30 -15.76 -3.33
N ALA A 91 -3.35 -14.85 -3.61
CA ALA A 91 -3.10 -14.38 -4.96
C ALA A 91 -1.68 -14.71 -5.40
N GLN A 92 -0.94 -15.50 -4.60
CA GLN A 92 0.47 -15.80 -4.85
C GLN A 92 1.27 -14.53 -5.11
N SER A 93 0.82 -13.40 -4.57
CA SER A 93 1.36 -12.09 -4.91
C SER A 93 2.34 -11.62 -3.85
N LEU A 94 3.37 -10.91 -4.29
CA LEU A 94 4.25 -10.23 -3.35
C LEU A 94 3.49 -9.05 -2.73
N LEU A 95 4.03 -8.53 -1.63
CA LEU A 95 3.38 -7.47 -0.89
C LEU A 95 4.40 -6.69 -0.08
N LEU A 96 4.30 -5.36 -0.12
CA LEU A 96 4.89 -4.53 0.92
C LEU A 96 3.84 -4.30 2.00
N ALA A 97 4.22 -4.45 3.27
CA ALA A 97 3.29 -4.23 4.37
C ALA A 97 3.82 -3.15 5.28
N LEU A 98 2.99 -2.12 5.53
CA LEU A 98 3.27 -1.06 6.50
C LEU A 98 2.12 -0.98 7.48
N ARG A 99 2.40 -1.17 8.76
CA ARG A 99 1.40 -0.81 9.75
C ARG A 99 1.40 0.71 9.92
N PHE A 100 0.18 1.24 10.11
CA PHE A 100 -0.15 2.66 10.25
C PHE A 100 -1.15 2.83 11.40
N PRO A 101 -0.70 3.34 12.55
CA PRO A 101 -1.57 3.41 13.71
C PRO A 101 -2.45 4.66 13.66
N LEU A 102 -3.57 4.59 14.38
CA LEU A 102 -4.61 5.60 14.23
C LEU A 102 -4.62 6.69 15.30
N ASP A 103 -3.94 6.55 16.43
CA ASP A 103 -3.91 7.71 17.32
C ASP A 103 -2.90 8.72 16.80
N ASP A 104 -3.28 9.99 16.88
CA ASP A 104 -2.47 11.11 16.35
C ASP A 104 -2.27 10.97 14.84
N ALA A 105 -3.21 10.29 14.19
CA ALA A 105 -3.21 10.17 12.74
C ALA A 105 -3.74 11.42 12.08
N THR A 106 -3.17 11.79 10.94
CA THR A 106 -3.54 12.99 10.19
C THR A 106 -3.55 12.69 8.70
N PRO A 107 -4.40 13.39 7.92
CA PRO A 107 -4.32 13.27 6.46
C PRO A 107 -2.91 13.37 5.86
N GLU A 108 -2.07 14.30 6.33
CA GLU A 108 -0.73 14.36 5.75
C GLU A 108 0.09 13.14 6.13
N LYS A 109 -0.15 12.57 7.33
CA LYS A 109 0.60 11.37 7.74
C LYS A 109 0.19 10.16 6.94
N LEU A 110 -1.09 10.03 6.64
CA LEU A 110 -1.52 8.93 5.77
C LEU A 110 -0.94 9.11 4.37
N GLU A 111 -1.09 10.29 3.81
CA GLU A 111 -0.45 10.59 2.54
C GLU A 111 1.03 10.28 2.56
N ASN A 112 1.74 10.65 3.64
CA ASN A 112 3.18 10.42 3.69
C ASN A 112 3.49 8.95 3.58
N GLU A 113 2.78 8.13 4.34
CA GLU A 113 3.13 6.73 4.40
C GLU A 113 2.69 5.99 3.17
N ILE A 114 1.53 6.34 2.60
CA ILE A 114 1.12 5.72 1.33
C ILE A 114 2.25 5.80 0.30
N GLU A 115 2.75 7.00 0.02
CA GLU A 115 3.85 7.10 -0.94
C GLU A 115 5.11 6.41 -0.44
N VAL A 116 5.28 6.21 0.88
CA VAL A 116 6.42 5.41 1.32
C VAL A 116 6.33 4.04 0.72
N VAL A 117 5.12 3.46 0.73
CA VAL A 117 4.90 2.19 0.06
C VAL A 117 5.14 2.32 -1.45
N VAL A 118 4.80 3.47 -2.04
CA VAL A 118 5.07 3.62 -3.47
C VAL A 118 6.56 3.68 -3.75
N LYS A 119 7.31 4.50 -3.00
CA LYS A 119 8.76 4.54 -3.28
C LYS A 119 9.42 3.22 -2.97
N SER A 120 8.85 2.44 -2.03
CA SER A 120 9.34 1.09 -1.80
C SER A 120 9.04 0.21 -3.00
N MET A 121 7.80 0.23 -3.47
CA MET A 121 7.47 -0.53 -4.67
C MET A 121 8.24 -0.04 -5.90
N GLU A 122 8.54 1.26 -5.93
CA GLU A 122 9.32 1.82 -7.03
C GLU A 122 10.76 1.34 -6.96
N ASN A 123 11.41 1.58 -5.83
CA ASN A 123 12.83 1.31 -5.69
C ASN A 123 13.16 -0.17 -5.54
N LEU A 124 12.15 -1.04 -5.44
CA LEU A 124 12.38 -2.45 -5.11
C LEU A 124 13.41 -3.10 -6.01
N TYR A 125 13.30 -2.90 -7.33
CA TYR A 125 14.28 -3.56 -8.19
C TYR A 125 15.68 -3.02 -7.95
N LEU A 126 15.82 -1.80 -7.44
CA LEU A 126 17.15 -1.29 -7.12
C LEU A 126 17.70 -1.91 -5.85
N VAL A 127 16.83 -2.27 -4.90
CA VAL A 127 17.30 -2.81 -3.64
C VAL A 127 17.75 -4.25 -3.81
N LEU A 128 17.44 -4.87 -4.94
CA LEU A 128 17.82 -6.24 -5.28
C LEU A 128 19.05 -6.30 -6.20
N HIS A 129 19.74 -7.44 -6.16
CA HIS A 129 21.06 -7.57 -6.77
C HIS A 129 20.99 -7.67 -8.30
N ASN A 130 19.96 -8.33 -8.82
CA ASN A 130 19.77 -8.41 -10.25
C ASN A 130 18.29 -8.28 -10.60
N GLY B 18 -8.77 7.84 -13.28
CA GLY B 18 -7.93 8.96 -13.63
C GLY B 18 -8.29 10.18 -12.82
N HIS B 19 -7.68 10.29 -11.66
CA HIS B 19 -7.90 11.45 -10.81
C HIS B 19 -6.54 12.10 -10.65
N LEU B 20 -6.55 13.41 -10.82
CA LEU B 20 -5.35 14.22 -10.72
C LEU B 20 -5.33 14.88 -9.35
N ILE B 21 -4.16 14.76 -8.73
CA ILE B 21 -3.80 15.23 -7.39
C ILE B 21 -3.15 16.58 -7.41
N SER B 22 -3.63 17.54 -6.65
CA SER B 22 -3.03 18.86 -6.65
C SER B 22 -2.78 19.20 -5.19
N SER B 23 -1.97 18.39 -4.53
CA SER B 23 -1.76 18.50 -3.09
C SER B 23 -0.32 18.91 -2.79
N THR B 24 -0.15 19.56 -1.63
CA THR B 24 1.17 19.82 -1.07
C THR B 24 1.83 18.54 -0.60
N GLY B 25 1.04 17.56 -0.20
CA GLY B 25 1.53 16.35 0.39
C GLY B 25 2.50 15.53 -0.46
N ALA B 26 2.97 14.44 0.13
CA ALA B 26 4.07 13.68 -0.42
C ALA B 26 3.70 12.88 -1.62
N LEU B 27 2.59 13.17 -2.28
CA LEU B 27 2.19 12.50 -3.51
C LEU B 27 2.35 13.46 -4.70
N GLY B 28 3.61 13.80 -5.02
CA GLY B 28 3.97 14.63 -6.16
C GLY B 28 3.95 13.82 -7.43
N SER B 29 2.77 13.29 -7.75
CA SER B 29 2.62 12.25 -8.74
C SER B 29 1.31 12.50 -9.47
N ARG B 30 1.18 11.92 -10.67
CA ARG B 30 0.20 12.47 -11.60
C ARG B 30 -1.23 12.02 -11.32
N SER B 31 -1.52 10.73 -11.34
CA SER B 31 -2.90 10.33 -11.16
C SER B 31 -3.11 9.08 -10.33
N LEU B 32 -4.34 8.93 -9.84
CA LEU B 32 -4.75 7.78 -9.06
C LEU B 32 -5.88 7.07 -9.78
N PHE B 33 -5.76 5.78 -9.94
CA PHE B 33 -6.79 4.99 -10.57
C PHE B 33 -7.29 4.08 -9.48
N SER B 34 -8.60 3.90 -9.46
CA SER B 34 -9.23 3.07 -8.45
C SER B 34 -9.63 1.72 -9.02
N PRO B 35 -9.17 0.64 -8.31
CA PRO B 35 -9.54 -0.67 -8.85
C PRO B 35 -10.70 -1.23 -8.07
N LEU B 36 -11.74 -1.58 -8.80
CA LEU B 36 -13.01 -2.04 -8.22
C LEU B 36 -12.82 -3.23 -7.27
N ASP B 48 0.58 -6.61 -13.93
CA ASP B 48 -0.07 -7.87 -13.63
C ASP B 48 -0.12 -8.07 -12.13
N ILE B 49 -1.09 -7.41 -11.49
CA ILE B 49 -1.09 -7.23 -10.05
C ILE B 49 -2.48 -7.55 -9.49
N PRO B 50 -2.59 -8.48 -8.56
CA PRO B 50 -3.90 -8.87 -8.05
C PRO B 50 -4.84 -7.87 -7.35
N GLY B 51 -4.38 -6.94 -6.52
CA GLY B 51 -5.33 -6.01 -5.90
C GLY B 51 -6.40 -6.77 -5.15
N LEU B 52 -5.95 -7.67 -4.31
CA LEU B 52 -6.77 -8.57 -3.51
C LEU B 52 -7.73 -7.90 -2.57
N PRO B 53 -8.87 -8.63 -2.27
CA PRO B 53 -9.77 -8.00 -1.32
C PRO B 53 -9.65 -8.72 0.02
N THR B 54 -8.75 -9.69 0.13
CA THR B 54 -8.59 -10.37 1.41
C THR B 54 -7.44 -11.35 1.34
N ASN B 55 -6.73 -11.46 2.48
CA ASN B 55 -5.62 -12.32 2.81
C ASN B 55 -6.00 -13.25 3.96
N PRO B 56 -5.37 -14.41 4.09
CA PRO B 56 -5.82 -15.39 5.10
C PRO B 56 -5.33 -15.05 6.49
N SER B 57 -6.26 -14.74 7.39
CA SER B 57 -5.94 -14.71 8.82
C SER B 57 -5.67 -16.10 9.35
N ARG B 58 -6.40 -17.08 8.83
CA ARG B 58 -6.36 -18.44 9.33
C ARG B 58 -7.22 -19.36 8.47
#